data_8ZOV
#
_entry.id   8ZOV
#
_cell.length_a   109.360
_cell.length_b   52.140
_cell.length_c   53.100
_cell.angle_alpha   90.00
_cell.angle_beta   90.00
_cell.angle_gamma   90.00
#
_symmetry.space_group_name_H-M   'P 21 21 2'
#
loop_
_entity.id
_entity.type
_entity.pdbx_description
1 polymer 'N-acetylmuramic acid/N-acetylglucosamine kinase'
2 non-polymer beta-D-glucopyranose
3 water water
#
_entity_poly.entity_id   1
_entity_poly.type   'polypeptide(L)'
_entity_poly.pdbx_seq_one_letter_code
;MKYVIGIDGGGSKTHMKISTLDYKVLLEVFKGPSNINSSTKEEVKRVLQELIMEGLGKLGQSLEECSAICIGTAGADRTE
DKSIIEDMIRSLGYMGKIIVVNDAEIALAGGIEKREGIIVISGTGSICYGRNKEGRSARSGGWGHIIGDEGSGYDIGIKA
IKAALKSFDKRGEKTILEGDILDFLKLKSHEDLINYIYRSGVTKKEIASLTRVVNSAYIKGDLVSKRILKEAARELFLSV
KAVVEVLSMQNKKVVLTTAGGVINNINYLYDEFRKFLNLNYPKVKIISMKNDSAFGAVIIARSECD
;
_entity_poly.pdbx_strand_id   A
#
# COMPACT_ATOMS: atom_id res chain seq x y z
N MET A 1 22.02 0.52 23.42
CA MET A 1 22.70 1.63 22.75
C MET A 1 22.39 1.65 21.24
N LYS A 2 22.68 0.54 20.56
CA LYS A 2 22.47 0.47 19.12
C LYS A 2 20.98 0.36 18.82
N TYR A 3 20.61 0.84 17.63
CA TYR A 3 19.21 0.84 17.23
C TYR A 3 19.12 0.79 15.72
N VAL A 4 17.92 0.46 15.22
CA VAL A 4 17.63 0.52 13.80
C VAL A 4 16.39 1.39 13.59
N ILE A 5 16.27 1.89 12.36
CA ILE A 5 15.13 2.71 11.93
C ILE A 5 14.44 1.97 10.79
N GLY A 6 13.14 1.77 10.93
CA GLY A 6 12.32 1.28 9.83
C GLY A 6 11.30 2.32 9.41
N ILE A 7 11.23 2.66 8.13
CA ILE A 7 10.30 3.67 7.62
C ILE A 7 9.39 3.03 6.59
N ASP A 8 8.08 3.13 6.82
CA ASP A 8 7.06 2.76 5.83
C ASP A 8 6.62 4.06 5.18
N GLY A 9 7.09 4.29 3.95
CA GLY A 9 6.63 5.44 3.19
C GLY A 9 5.39 5.09 2.40
N GLY A 10 4.25 4.92 3.11
CA GLY A 10 3.03 4.44 2.48
C GLY A 10 2.16 5.57 1.94
N GLY A 11 1.14 5.15 1.18
CA GLY A 11 0.22 6.11 0.58
C GLY A 11 -0.71 6.77 1.57
N SER A 12 -0.98 6.11 2.69
CA SER A 12 -1.83 6.69 3.72
C SER A 12 -1.06 7.69 4.58
N LYS A 13 0.18 7.36 4.94
CA LYS A 13 1.01 8.20 5.80
C LYS A 13 2.46 7.72 5.66
N THR A 14 3.38 8.51 6.21
CA THR A 14 4.75 8.05 6.45
C THR A 14 4.83 7.60 7.91
N HIS A 15 5.34 6.39 8.14
CA HIS A 15 5.30 5.77 9.47
C HIS A 15 6.69 5.24 9.77
N MET A 16 7.31 5.76 10.83
CA MET A 16 8.62 5.33 11.29
C MET A 16 8.55 4.60 12.62
N LYS A 17 9.32 3.52 12.74
CA LYS A 17 9.59 2.89 14.04
C LYS A 17 11.09 2.87 14.28
N ILE A 18 11.49 3.27 15.48
CA ILE A 18 12.87 3.11 15.94
C ILE A 18 12.86 2.00 16.97
N SER A 19 13.76 1.02 16.78
CA SER A 19 13.77 -0.20 17.59
C SER A 19 15.18 -0.50 18.08
N THR A 20 15.26 -1.05 19.29
CA THR A 20 16.51 -1.67 19.69
C THR A 20 16.77 -2.91 18.84
N LEU A 21 17.99 -3.44 18.97
CA LEU A 21 18.33 -4.67 18.26
C LEU A 21 17.61 -5.90 18.82
N ASP A 22 17.01 -5.82 20.01
CA ASP A 22 16.15 -6.88 20.52
C ASP A 22 14.68 -6.67 20.18
N TYR A 23 14.40 -5.85 19.15
CA TYR A 23 13.06 -5.64 18.63
C TYR A 23 12.11 -4.99 19.62
N LYS A 24 12.64 -4.25 20.60
CA LYS A 24 11.81 -3.39 21.43
C LYS A 24 11.65 -2.06 20.71
N VAL A 25 10.41 -1.76 20.30
CA VAL A 25 10.13 -0.52 19.58
C VAL A 25 10.06 0.62 20.58
N LEU A 26 11.02 1.53 20.48
CA LEU A 26 11.17 2.64 21.43
C LEU A 26 10.24 3.79 21.11
N LEU A 27 9.92 4.00 19.84
CA LEU A 27 9.04 5.10 19.47
C LEU A 27 8.57 4.89 18.05
N GLU A 28 7.45 5.53 17.75
CA GLU A 28 6.91 5.53 16.42
C GLU A 28 6.44 6.94 16.09
N VAL A 29 6.64 7.33 14.85
CA VAL A 29 6.36 8.68 14.39
C VAL A 29 5.54 8.61 13.11
N PHE A 30 4.59 9.53 12.97
CA PHE A 30 3.77 9.59 11.77
C PHE A 30 3.92 10.96 11.12
N LYS A 31 4.08 10.95 9.81
CA LYS A 31 4.03 12.15 8.97
C LYS A 31 3.07 11.90 7.83
N GLY A 32 2.86 12.95 7.03
CA GLY A 32 2.00 12.85 5.88
C GLY A 32 2.63 11.98 4.82
N PRO A 33 1.80 11.40 3.95
CA PRO A 33 2.35 10.66 2.81
C PRO A 33 3.13 11.59 1.91
N SER A 34 4.37 11.19 1.60
CA SER A 34 5.24 11.97 0.74
C SER A 34 6.06 11.01 -0.09
N ASN A 35 5.94 11.11 -1.42
CA ASN A 35 6.62 10.22 -2.34
C ASN A 35 7.17 11.02 -3.49
N ILE A 36 8.37 10.65 -3.96
CA ILE A 36 9.01 11.39 -5.05
C ILE A 36 8.23 11.27 -6.35
N ASN A 37 7.38 10.25 -6.49
CA ASN A 37 6.54 10.13 -7.67
C ASN A 37 5.38 11.12 -7.67
N SER A 38 5.01 11.66 -6.51
CA SER A 38 3.93 12.63 -6.43
C SER A 38 4.32 13.92 -5.72
N SER A 39 5.56 14.03 -5.22
CA SER A 39 6.06 15.27 -4.65
C SER A 39 7.46 15.54 -5.20
N THR A 40 7.90 16.78 -5.06
CA THR A 40 9.24 17.15 -5.47
C THR A 40 10.27 16.49 -4.57
N LYS A 41 11.48 16.35 -5.10
CA LYS A 41 12.60 15.84 -4.32
C LYS A 41 12.78 16.66 -3.05
N GLU A 42 12.66 17.98 -3.16
CA GLU A 42 12.80 18.85 -1.99
C GLU A 42 11.73 18.55 -0.95
N GLU A 43 10.49 18.32 -1.39
CA GLU A 43 9.40 18.02 -0.46
C GLU A 43 9.66 16.72 0.29
N VAL A 44 10.10 15.68 -0.42
CA VAL A 44 10.35 14.39 0.21
C VAL A 44 11.55 14.47 1.14
N LYS A 45 12.64 15.10 0.69
CA LYS A 45 13.83 15.21 1.53
C LYS A 45 13.49 15.86 2.87
N ARG A 46 12.72 16.94 2.83
CA ARG A 46 12.37 17.65 4.07
C ARG A 46 11.63 16.74 5.03
N VAL A 47 10.69 15.93 4.51
CA VAL A 47 9.95 15.01 5.37
C VAL A 47 10.88 13.97 5.99
N LEU A 48 11.81 13.44 5.17
CA LEU A 48 12.71 12.39 5.66
C LEU A 48 13.64 12.91 6.74
N GLN A 49 14.29 14.06 6.52
CA GLN A 49 15.16 14.62 7.55
C GLN A 49 14.36 14.96 8.81
N GLU A 50 13.22 15.63 8.64
CA GLU A 50 12.38 15.96 9.79
C GLU A 50 12.00 14.71 10.57
N LEU A 51 11.51 13.69 9.86
CA LEU A 51 11.12 12.44 10.51
C LEU A 51 12.28 11.82 11.29
N ILE A 52 13.44 11.69 10.64
CA ILE A 52 14.57 11.02 11.29
C ILE A 52 15.13 11.84 12.45
N MET A 53 15.39 13.13 12.23
CA MET A 53 15.93 13.96 13.31
C MET A 53 14.94 14.11 14.47
N GLU A 54 13.64 14.17 14.16
CA GLU A 54 12.63 14.18 15.21
C GLU A 54 12.77 12.97 16.12
N GLY A 55 12.58 11.77 15.56
CA GLY A 55 12.72 10.56 16.36
C GLY A 55 14.04 10.48 17.09
N LEU A 56 15.11 10.92 16.44
CA LEU A 56 16.40 10.94 17.12
C LEU A 56 16.41 11.98 18.24
N GLY A 57 15.60 13.03 18.11
CA GLY A 57 15.50 14.01 19.18
C GLY A 57 14.78 13.46 20.40
N LYS A 58 13.60 12.86 20.19
CA LYS A 58 12.90 12.21 21.29
C LYS A 58 13.74 11.09 21.91
N LEU A 59 14.40 10.30 21.07
CA LEU A 59 15.25 9.22 21.54
C LEU A 59 16.52 9.74 22.21
N GLY A 60 16.91 10.98 21.94
CA GLY A 60 18.12 11.52 22.54
C GLY A 60 19.38 10.80 22.13
N GLN A 61 19.51 10.45 20.86
CA GLN A 61 20.69 9.74 20.37
C GLN A 61 21.10 10.30 19.02
N SER A 62 22.31 9.96 18.59
CA SER A 62 22.86 10.43 17.33
C SER A 62 22.75 9.33 16.27
N LEU A 63 22.93 9.75 15.01
CA LEU A 63 22.95 8.81 13.91
C LEU A 63 24.08 7.79 14.04
N GLU A 64 25.11 8.10 14.84
CA GLU A 64 26.25 7.19 14.97
C GLU A 64 25.85 5.85 15.57
N GLU A 65 24.84 5.83 16.45
CA GLU A 65 24.40 4.59 17.08
C GLU A 65 23.38 3.84 16.24
N CYS A 66 22.95 4.41 15.12
CA CYS A 66 22.00 3.73 14.24
C CYS A 66 22.74 2.69 13.39
N SER A 67 22.43 1.41 13.61
CA SER A 67 23.11 0.35 12.90
C SER A 67 22.61 0.15 11.47
N ALA A 68 21.34 0.46 11.20
CA ALA A 68 20.80 0.30 9.85
C ALA A 68 19.49 1.07 9.75
N ILE A 69 19.22 1.54 8.53
CA ILE A 69 17.97 2.20 8.17
C ILE A 69 17.37 1.48 6.97
N CYS A 70 16.12 1.07 7.08
CA CYS A 70 15.39 0.52 5.95
C CYS A 70 14.18 1.39 5.67
N ILE A 71 13.99 1.76 4.40
CA ILE A 71 12.82 2.51 3.96
C ILE A 71 12.11 1.73 2.86
N GLY A 72 10.81 1.52 3.03
CA GLY A 72 9.99 0.93 2.00
C GLY A 72 8.98 1.95 1.51
N THR A 73 8.97 2.21 0.21
CA THR A 73 8.03 3.18 -0.31
C THR A 73 7.62 2.77 -1.70
N ALA A 74 6.46 3.28 -2.12
CA ALA A 74 5.97 3.01 -3.47
C ALA A 74 6.94 3.61 -4.48
N GLY A 75 7.25 2.83 -5.51
CA GLY A 75 8.15 3.26 -6.56
C GLY A 75 9.62 2.99 -6.30
N ALA A 76 9.99 2.62 -5.08
CA ALA A 76 11.39 2.40 -4.72
C ALA A 76 11.95 1.08 -5.25
N ASP A 77 11.21 0.40 -6.12
CA ASP A 77 11.78 -0.75 -6.82
C ASP A 77 12.79 -0.30 -7.88
N ARG A 78 12.58 0.88 -8.46
CA ARG A 78 13.47 1.40 -9.49
C ARG A 78 14.75 1.92 -8.84
N THR A 79 15.91 1.54 -9.42
CA THR A 79 17.19 1.98 -8.86
C THR A 79 17.34 3.50 -8.96
N GLU A 80 16.66 4.13 -9.93
CA GLU A 80 16.64 5.58 -9.99
C GLU A 80 16.11 6.16 -8.69
N ASP A 81 14.97 5.65 -8.20
CA ASP A 81 14.43 6.11 -6.92
C ASP A 81 15.34 5.72 -5.76
N LYS A 82 15.94 4.52 -5.83
CA LYS A 82 16.83 4.04 -4.77
C LYS A 82 17.95 5.02 -4.49
N SER A 83 18.68 5.44 -5.53
CA SER A 83 19.83 6.31 -5.34
C SER A 83 19.42 7.67 -4.83
N ILE A 84 18.30 8.20 -5.32
CA ILE A 84 17.80 9.48 -4.86
C ILE A 84 17.49 9.42 -3.37
N ILE A 85 16.87 8.32 -2.93
CA ILE A 85 16.48 8.19 -1.53
C ILE A 85 17.70 7.99 -0.65
N GLU A 86 18.62 7.11 -1.06
CA GLU A 86 19.86 6.93 -0.29
C GLU A 86 20.62 8.25 -0.15
N ASP A 87 20.63 9.06 -1.21
CA ASP A 87 21.35 10.33 -1.16
C ASP A 87 20.74 11.27 -0.12
N MET A 88 19.41 11.31 -0.03
CA MET A 88 18.79 12.15 0.99
C MET A 88 19.25 11.74 2.38
N ILE A 89 19.32 10.44 2.64
CA ILE A 89 19.75 9.97 3.95
C ILE A 89 21.23 10.22 4.17
N ARG A 90 22.06 9.96 3.14
CA ARG A 90 23.49 10.22 3.25
C ARG A 90 23.76 11.70 3.52
N SER A 91 22.91 12.59 3.01
CA SER A 91 23.11 14.02 3.19
C SER A 91 22.91 14.47 4.63
N LEU A 92 22.20 13.68 5.45
CA LEU A 92 22.12 13.94 6.88
C LEU A 92 23.42 13.67 7.61
N GLY A 93 24.37 12.99 6.98
CA GLY A 93 25.57 12.55 7.64
C GLY A 93 25.54 11.11 8.08
N TYR A 94 24.53 10.34 7.67
CA TYR A 94 24.46 8.94 8.06
C TYR A 94 25.47 8.13 7.25
N MET A 95 26.21 7.30 7.97
CA MET A 95 27.36 6.59 7.41
C MET A 95 27.18 5.08 7.46
N GLY A 96 26.00 4.61 7.90
CA GLY A 96 25.76 3.19 8.08
C GLY A 96 24.96 2.58 6.94
N LYS A 97 24.34 1.44 7.25
CA LYS A 97 23.66 0.64 6.24
C LYS A 97 22.31 1.27 5.91
N ILE A 98 22.03 1.41 4.62
CA ILE A 98 20.75 1.88 4.11
C ILE A 98 20.18 0.82 3.18
N ILE A 99 18.91 0.47 3.38
CA ILE A 99 18.20 -0.47 2.54
C ILE A 99 16.94 0.21 2.04
N VAL A 100 16.85 0.45 0.74
CA VAL A 100 15.68 1.09 0.13
C VAL A 100 14.96 0.05 -0.72
N VAL A 101 13.69 -0.19 -0.42
CA VAL A 101 12.91 -1.22 -1.09
C VAL A 101 11.52 -0.67 -1.41
N ASN A 102 10.81 -1.41 -2.26
CA ASN A 102 9.40 -1.12 -2.52
C ASN A 102 8.59 -1.44 -1.27
N ASP A 103 7.43 -0.79 -1.15
CA ASP A 103 6.59 -0.97 0.03
C ASP A 103 6.16 -2.42 0.20
N ALA A 104 6.04 -3.18 -0.88
CA ALA A 104 5.60 -4.56 -0.75
C ALA A 104 6.60 -5.41 0.00
N GLU A 105 7.89 -5.10 -0.13
CA GLU A 105 8.90 -5.92 0.53
C GLU A 105 8.85 -5.77 2.05
N ILE A 106 8.60 -4.55 2.54
CA ILE A 106 8.48 -4.39 4.00
C ILE A 106 7.16 -4.95 4.52
N ALA A 107 6.10 -4.89 3.70
CA ALA A 107 4.83 -5.50 4.09
C ALA A 107 4.96 -7.02 4.19
N LEU A 108 5.69 -7.63 3.26
CA LEU A 108 5.89 -9.07 3.34
C LEU A 108 6.70 -9.43 4.58
N ALA A 109 7.78 -8.68 4.83
CA ALA A 109 8.60 -8.95 6.01
C ALA A 109 7.79 -8.80 7.30
N GLY A 110 7.05 -7.70 7.44
CA GLY A 110 6.27 -7.53 8.65
C GLY A 110 5.13 -8.50 8.76
N GLY A 111 4.52 -8.82 7.62
CA GLY A 111 3.36 -9.70 7.65
C GLY A 111 3.68 -11.16 7.95
N ILE A 112 4.79 -11.66 7.41
CA ILE A 112 5.09 -13.09 7.47
C ILE A 112 6.31 -13.39 8.35
N GLU A 113 7.20 -12.42 8.59
CA GLU A 113 8.42 -12.60 9.36
C GLU A 113 9.41 -13.56 8.71
N LYS A 114 9.32 -13.74 7.40
CA LYS A 114 10.18 -14.62 6.64
C LYS A 114 10.44 -13.98 5.28
N ARG A 115 11.39 -14.53 4.53
CA ARG A 115 11.67 -14.06 3.17
C ARG A 115 10.66 -14.55 2.15
N GLU A 116 10.02 -15.69 2.38
CA GLU A 116 9.18 -16.31 1.37
C GLU A 116 7.73 -16.03 1.72
N GLY A 117 6.90 -16.04 0.69
CA GLY A 117 5.47 -15.86 0.80
C GLY A 117 5.01 -14.88 -0.27
N ILE A 118 3.73 -14.50 -0.19
CA ILE A 118 3.14 -13.54 -1.12
C ILE A 118 2.44 -12.46 -0.31
N ILE A 119 2.59 -11.21 -0.73
CA ILE A 119 1.85 -10.08 -0.19
C ILE A 119 1.01 -9.49 -1.31
N VAL A 120 -0.24 -9.16 -0.99
CA VAL A 120 -1.08 -8.31 -1.85
C VAL A 120 -1.34 -7.03 -1.10
N ILE A 121 -1.06 -5.89 -1.73
CA ILE A 121 -1.41 -4.59 -1.18
C ILE A 121 -2.59 -4.08 -2.00
N SER A 122 -3.67 -3.73 -1.31
CA SER A 122 -4.69 -2.86 -1.92
C SER A 122 -5.08 -1.80 -0.90
N GLY A 123 -4.47 -0.64 -1.04
CA GLY A 123 -4.82 0.55 -0.30
C GLY A 123 -5.15 1.65 -1.29
N THR A 124 -4.41 2.74 -1.24
CA THR A 124 -4.56 3.74 -2.30
C THR A 124 -4.15 3.16 -3.65
N GLY A 125 -3.05 2.39 -3.68
CA GLY A 125 -2.61 1.69 -4.86
C GLY A 125 -2.68 0.18 -4.61
N SER A 126 -2.18 -0.58 -5.60
CA SER A 126 -2.22 -2.03 -5.48
C SER A 126 -1.02 -2.65 -6.17
N ILE A 127 -0.57 -3.78 -5.60
CA ILE A 127 0.55 -4.55 -6.15
C ILE A 127 0.49 -5.93 -5.52
N CYS A 128 1.11 -6.90 -6.20
CA CYS A 128 1.39 -8.22 -5.61
C CYS A 128 2.88 -8.55 -5.74
N TYR A 129 3.47 -9.04 -4.65
CA TYR A 129 4.88 -9.36 -4.64
C TYR A 129 5.04 -10.68 -3.91
N GLY A 130 5.93 -11.53 -4.40
CA GLY A 130 6.18 -12.78 -3.70
C GLY A 130 7.57 -13.30 -3.92
N ARG A 131 7.91 -14.29 -3.11
CA ARG A 131 9.19 -14.98 -3.22
C ARG A 131 8.93 -16.45 -2.94
N ASN A 132 9.49 -17.32 -3.77
CA ASN A 132 9.24 -18.75 -3.69
C ASN A 132 10.29 -19.46 -2.84
N LYS A 133 10.23 -20.79 -2.82
CA LYS A 133 11.17 -21.57 -2.02
C LYS A 133 12.58 -21.54 -2.61
N GLU A 134 12.71 -21.20 -3.88
CA GLU A 134 13.98 -21.00 -4.55
C GLU A 134 14.63 -19.69 -4.18
N GLY A 135 13.95 -18.84 -3.39
CA GLY A 135 14.45 -17.51 -3.10
C GLY A 135 14.20 -16.48 -4.18
N ARG A 136 13.52 -16.84 -5.25
CA ARG A 136 13.32 -15.95 -6.38
C ARG A 136 12.04 -15.14 -6.18
N SER A 137 12.10 -13.85 -6.51
CA SER A 137 10.97 -12.96 -6.29
C SER A 137 10.32 -12.59 -7.63
N ALA A 138 9.08 -12.16 -7.54
CA ALA A 138 8.36 -11.65 -8.69
C ALA A 138 7.32 -10.66 -8.20
N ARG A 139 6.90 -9.78 -9.10
CA ARG A 139 5.83 -8.86 -8.79
C ARG A 139 4.89 -8.78 -9.97
N SER A 140 3.64 -8.43 -9.68
CA SER A 140 2.67 -8.12 -10.72
C SER A 140 1.87 -6.90 -10.29
N GLY A 141 1.29 -6.22 -11.27
CA GLY A 141 0.63 -4.98 -10.90
C GLY A 141 1.64 -3.92 -10.41
N GLY A 142 1.13 -2.97 -9.64
CA GLY A 142 1.98 -1.91 -9.12
C GLY A 142 2.37 -0.84 -10.11
N TRP A 143 1.61 -0.68 -11.18
CA TRP A 143 2.04 0.20 -12.27
C TRP A 143 1.48 1.61 -12.13
N GLY A 144 0.88 1.95 -10.99
CA GLY A 144 0.49 3.31 -10.71
C GLY A 144 -0.92 3.64 -11.13
N HIS A 145 -1.30 4.87 -10.84
CA HIS A 145 -2.70 5.26 -10.91
C HIS A 145 -3.20 5.52 -12.32
N ILE A 146 -2.30 5.69 -13.31
CA ILE A 146 -2.71 5.97 -14.68
C ILE A 146 -2.83 4.68 -15.49
N ILE A 147 -1.81 3.83 -15.45
CA ILE A 147 -1.74 2.62 -16.26
C ILE A 147 -1.74 1.36 -15.39
N GLY A 148 -2.18 1.47 -14.15
CA GLY A 148 -2.28 0.30 -13.30
C GLY A 148 -3.21 0.48 -12.12
N ASP A 149 -2.79 -0.03 -10.96
CA ASP A 149 -3.56 0.09 -9.72
C ASP A 149 -4.91 -0.62 -9.80
N GLU A 150 -5.02 -1.65 -10.63
CA GLU A 150 -6.30 -2.36 -10.72
C GLU A 150 -6.64 -2.98 -9.36
N GLY A 151 -7.89 -2.79 -8.95
CA GLY A 151 -8.36 -3.32 -7.69
C GLY A 151 -7.96 -2.53 -6.48
N SER A 152 -7.27 -1.39 -6.68
CA SER A 152 -6.91 -0.48 -5.60
C SER A 152 -8.11 0.37 -5.18
N GLY A 153 -7.94 1.04 -4.05
CA GLY A 153 -8.92 2.03 -3.63
C GLY A 153 -9.07 3.17 -4.62
N TYR A 154 -7.96 3.64 -5.22
CA TYR A 154 -8.05 4.67 -6.25
C TYR A 154 -8.90 4.17 -7.41
N ASP A 155 -8.65 2.93 -7.85
CA ASP A 155 -9.42 2.35 -8.96
C ASP A 155 -10.88 2.23 -8.61
N ILE A 156 -11.18 1.79 -7.37
CA ILE A 156 -12.57 1.70 -6.92
C ILE A 156 -13.23 3.08 -6.94
N GLY A 157 -12.51 4.11 -6.48
CA GLY A 157 -13.10 5.44 -6.45
C GLY A 157 -13.40 5.98 -7.84
N ILE A 158 -12.46 5.79 -8.78
CA ILE A 158 -12.69 6.21 -10.17
C ILE A 158 -13.88 5.46 -10.74
N LYS A 159 -13.91 4.14 -10.53
CA LYS A 159 -15.00 3.34 -11.07
C LYS A 159 -16.33 3.74 -10.45
N ALA A 160 -16.32 4.12 -9.17
CA ALA A 160 -17.56 4.55 -8.54
C ALA A 160 -18.08 5.83 -9.16
N ILE A 161 -17.18 6.79 -9.43
CA ILE A 161 -17.59 8.02 -10.07
C ILE A 161 -18.12 7.74 -11.48
N LYS A 162 -17.41 6.89 -12.24
CA LYS A 162 -17.86 6.57 -13.59
C LYS A 162 -19.24 5.94 -13.56
N ALA A 163 -19.48 5.05 -12.60
CA ALA A 163 -20.79 4.43 -12.50
C ALA A 163 -21.86 5.44 -12.10
N ALA A 164 -21.52 6.37 -11.22
CA ALA A 164 -22.46 7.41 -10.83
C ALA A 164 -22.80 8.31 -12.01
N LEU A 165 -21.81 8.61 -12.85
CA LEU A 165 -22.07 9.45 -14.01
C LEU A 165 -22.89 8.70 -15.06
N LYS A 166 -22.60 7.42 -15.27
CA LYS A 166 -23.42 6.64 -16.18
C LYS A 166 -24.87 6.49 -15.68
N SER A 167 -25.05 6.40 -14.36
CA SER A 167 -26.40 6.39 -13.79
C SER A 167 -27.10 7.71 -14.11
N PHE A 168 -26.38 8.81 -13.92
CA PHE A 168 -26.94 10.15 -14.12
C PHE A 168 -27.28 10.42 -15.58
N ASP A 169 -26.41 9.99 -16.50
CA ASP A 169 -26.62 10.33 -17.90
C ASP A 169 -27.29 9.23 -18.71
N LYS A 170 -27.69 8.14 -18.05
CA LYS A 170 -28.51 7.04 -18.57
C LYS A 170 -27.73 6.04 -19.40
N ARG A 171 -26.40 6.08 -19.33
CA ARG A 171 -25.62 5.05 -20.00
C ARG A 171 -25.51 3.77 -19.20
N GLY A 172 -25.78 3.85 -17.89
CA GLY A 172 -25.61 2.70 -17.03
C GLY A 172 -26.79 2.51 -16.09
N GLU A 173 -26.75 1.37 -15.41
CA GLU A 173 -27.71 1.02 -14.39
C GLU A 173 -27.78 2.10 -13.31
N LYS A 174 -29.00 2.37 -12.85
CA LYS A 174 -29.17 3.28 -11.74
C LYS A 174 -28.43 2.78 -10.50
N THR A 175 -27.79 3.70 -9.79
CA THR A 175 -27.07 3.36 -8.57
C THR A 175 -27.20 4.49 -7.58
N ILE A 176 -27.28 4.14 -6.28
CA ILE A 176 -27.30 5.17 -5.25
C ILE A 176 -25.98 5.91 -5.13
N LEU A 177 -24.93 5.43 -5.80
CA LEU A 177 -23.69 6.19 -5.86
C LEU A 177 -23.90 7.55 -6.49
N GLU A 178 -24.90 7.69 -7.34
CA GLU A 178 -25.15 8.95 -8.03
C GLU A 178 -25.28 10.11 -7.06
N GLY A 179 -26.06 9.92 -6.00
CA GLY A 179 -26.20 10.93 -4.97
C GLY A 179 -25.28 10.73 -3.77
N ASP A 180 -24.93 9.48 -3.48
CA ASP A 180 -24.10 9.22 -2.30
C ASP A 180 -22.71 9.80 -2.45
N ILE A 181 -22.16 9.84 -3.67
CA ILE A 181 -20.83 10.41 -3.85
C ILE A 181 -20.85 11.91 -3.61
N LEU A 182 -21.85 12.61 -4.16
CA LEU A 182 -21.97 14.05 -3.92
C LEU A 182 -22.16 14.37 -2.44
N ASP A 183 -22.99 13.57 -1.75
CA ASP A 183 -23.18 13.80 -0.32
C ASP A 183 -21.87 13.61 0.44
N PHE A 184 -21.09 12.59 0.08
CA PHE A 184 -19.84 12.31 0.78
C PHE A 184 -18.84 13.44 0.58
N LEU A 185 -18.75 13.96 -0.63
CA LEU A 185 -17.83 15.03 -0.96
C LEU A 185 -18.37 16.41 -0.62
N LYS A 186 -19.59 16.49 -0.06
CA LYS A 186 -20.19 17.76 0.34
C LYS A 186 -20.41 18.65 -0.89
N LEU A 187 -20.79 18.04 -2.00
CA LEU A 187 -21.00 18.73 -3.26
C LEU A 187 -22.48 18.76 -3.61
N LYS A 188 -22.87 19.80 -4.34
CA LYS A 188 -24.27 20.02 -4.66
C LYS A 188 -24.67 19.39 -5.99
N SER A 189 -23.87 19.54 -7.03
CA SER A 189 -24.28 19.17 -8.38
C SER A 189 -23.23 18.30 -9.05
N HIS A 190 -23.69 17.61 -10.10
CA HIS A 190 -22.75 16.85 -10.92
CA HIS A 190 -22.79 16.87 -10.99
C HIS A 190 -21.68 17.75 -11.55
N GLU A 191 -21.89 19.06 -11.63
CA GLU A 191 -20.85 19.95 -12.11
C GLU A 191 -19.83 20.29 -11.03
N ASP A 192 -20.29 20.39 -9.77
CA ASP A 192 -19.34 20.53 -8.66
C ASP A 192 -18.38 19.36 -8.62
N LEU A 193 -18.84 18.18 -9.05
CA LEU A 193 -17.95 17.03 -9.11
C LEU A 193 -16.88 17.20 -10.18
N ILE A 194 -17.19 17.89 -11.29
CA ILE A 194 -16.21 18.08 -12.34
C ILE A 194 -15.08 18.99 -11.87
N ASN A 195 -15.42 20.12 -11.23
CA ASN A 195 -14.39 21.00 -10.73
C ASN A 195 -13.58 20.32 -9.64
N TYR A 196 -14.23 19.49 -8.82
CA TYR A 196 -13.53 18.78 -7.76
C TYR A 196 -12.48 17.83 -8.33
N ILE A 197 -12.84 17.07 -9.37
CA ILE A 197 -11.92 16.10 -9.94
C ILE A 197 -10.84 16.75 -10.79
N TYR A 198 -11.21 17.76 -11.59
CA TYR A 198 -10.27 18.29 -12.58
C TYR A 198 -9.55 19.56 -12.18
N ARG A 199 -10.04 20.31 -11.19
CA ARG A 199 -9.43 21.59 -10.88
C ARG A 199 -9.00 21.77 -9.42
N SER A 200 -9.53 20.98 -8.49
CA SER A 200 -9.36 21.23 -7.07
C SER A 200 -8.02 20.76 -6.50
N GLY A 201 -7.17 20.09 -7.29
CA GLY A 201 -5.97 19.51 -6.70
C GLY A 201 -6.25 18.34 -5.79
N VAL A 202 -7.31 17.57 -6.08
CA VAL A 202 -7.64 16.40 -5.28
C VAL A 202 -6.47 15.41 -5.31
N THR A 203 -6.32 14.65 -4.22
CA THR A 203 -5.23 13.70 -4.12
C THR A 203 -5.73 12.29 -4.44
N LYS A 204 -4.77 11.39 -4.66
CA LYS A 204 -5.10 9.99 -4.87
C LYS A 204 -5.81 9.41 -3.66
N LYS A 205 -5.37 9.79 -2.46
CA LYS A 205 -5.97 9.27 -1.24
C LYS A 205 -7.42 9.73 -1.12
N GLU A 206 -7.72 10.94 -1.56
CA GLU A 206 -9.09 11.43 -1.49
C GLU A 206 -10.01 10.65 -2.44
N ILE A 207 -9.55 10.39 -3.66
CA ILE A 207 -10.36 9.58 -4.58
C ILE A 207 -10.52 8.17 -4.03
N ALA A 208 -9.44 7.60 -3.49
CA ALA A 208 -9.52 6.26 -2.92
C ALA A 208 -10.50 6.21 -1.77
N SER A 209 -10.72 7.33 -1.07
CA SER A 209 -11.63 7.35 0.06
C SER A 209 -13.07 7.10 -0.35
N LEU A 210 -13.39 7.28 -1.63
CA LEU A 210 -14.73 6.93 -2.12
C LEU A 210 -15.02 5.44 -1.99
N THR A 211 -13.99 4.60 -1.80
CA THR A 211 -14.25 3.20 -1.51
C THR A 211 -15.18 3.05 -0.31
N ARG A 212 -15.11 3.98 0.66
CA ARG A 212 -16.03 3.93 1.80
C ARG A 212 -17.48 4.08 1.34
N VAL A 213 -17.71 4.92 0.34
CA VAL A 213 -19.06 5.10 -0.20
C VAL A 213 -19.53 3.85 -0.89
N VAL A 214 -18.64 3.20 -1.64
CA VAL A 214 -18.99 1.96 -2.32
C VAL A 214 -19.35 0.88 -1.31
N ASN A 215 -18.55 0.76 -0.25
CA ASN A 215 -18.86 -0.22 0.79
C ASN A 215 -20.21 0.07 1.43
N SER A 216 -20.47 1.33 1.80
CA SER A 216 -21.74 1.68 2.42
C SER A 216 -22.92 1.40 1.50
N ALA A 217 -22.77 1.72 0.21
CA ALA A 217 -23.85 1.46 -0.74
C ALA A 217 -24.08 -0.03 -0.92
N TYR A 218 -23.01 -0.84 -0.95
CA TYR A 218 -23.17 -2.28 -1.04
C TYR A 218 -23.98 -2.84 0.14
N ILE A 219 -23.69 -2.35 1.35
CA ILE A 219 -24.45 -2.77 2.55
C ILE A 219 -25.92 -2.36 2.44
N LYS A 220 -26.21 -1.28 1.73
CA LYS A 220 -27.59 -0.88 1.45
C LYS A 220 -28.23 -1.66 0.31
N GLY A 221 -27.50 -2.59 -0.31
CA GLY A 221 -28.06 -3.42 -1.34
C GLY A 221 -27.83 -2.94 -2.76
N ASP A 222 -26.97 -1.94 -2.96
CA ASP A 222 -26.74 -1.42 -4.30
C ASP A 222 -25.97 -2.42 -5.15
N LEU A 223 -26.54 -2.81 -6.30
CA LEU A 223 -25.96 -3.85 -7.14
C LEU A 223 -24.72 -3.36 -7.88
N VAL A 224 -24.73 -2.13 -8.37
CA VAL A 224 -23.54 -1.60 -9.04
C VAL A 224 -22.35 -1.60 -8.10
N SER A 225 -22.60 -1.24 -6.85
CA SER A 225 -21.52 -1.18 -5.87
C SER A 225 -20.98 -2.56 -5.56
N LYS A 226 -21.87 -3.55 -5.37
CA LYS A 226 -21.41 -4.92 -5.17
C LYS A 226 -20.53 -5.37 -6.33
N ARG A 227 -20.93 -5.06 -7.56
CA ARG A 227 -20.13 -5.52 -8.71
C ARG A 227 -18.76 -4.86 -8.75
N ILE A 228 -18.67 -3.57 -8.42
CA ILE A 228 -17.38 -2.91 -8.35
C ILE A 228 -16.47 -3.62 -7.34
N LEU A 229 -17.01 -3.98 -6.17
CA LEU A 229 -16.19 -4.66 -5.17
C LEU A 229 -15.75 -6.05 -5.64
N LYS A 230 -16.67 -6.78 -6.27
CA LYS A 230 -16.32 -8.11 -6.77
C LYS A 230 -15.23 -8.03 -7.84
N GLU A 231 -15.35 -7.07 -8.75
CA GLU A 231 -14.35 -6.99 -9.81
C GLU A 231 -13.00 -6.55 -9.25
N ALA A 232 -13.00 -5.73 -8.19
CA ALA A 232 -11.74 -5.39 -7.53
C ALA A 232 -11.10 -6.62 -6.92
N ALA A 233 -11.90 -7.45 -6.24
CA ALA A 233 -11.39 -8.71 -5.73
C ALA A 233 -10.81 -9.57 -6.85
N ARG A 234 -11.48 -9.61 -8.00
CA ARG A 234 -10.98 -10.38 -9.13
C ARG A 234 -9.62 -9.87 -9.60
N GLU A 235 -9.46 -8.54 -9.73
CA GLU A 235 -8.16 -8.00 -10.13
C GLU A 235 -7.07 -8.34 -9.12
N LEU A 236 -7.38 -8.28 -7.82
CA LEU A 236 -6.38 -8.67 -6.84
C LEU A 236 -6.03 -10.14 -6.97
N PHE A 237 -7.03 -10.99 -7.19
CA PHE A 237 -6.75 -12.39 -7.44
C PHE A 237 -5.87 -12.59 -8.65
N LEU A 238 -6.13 -11.86 -9.74
CA LEU A 238 -5.29 -12.02 -10.93
C LEU A 238 -3.85 -11.65 -10.62
N SER A 239 -3.63 -10.68 -9.74
CA SER A 239 -2.26 -10.33 -9.41
C SER A 239 -1.55 -11.47 -8.68
N VAL A 240 -2.29 -12.21 -7.85
CA VAL A 240 -1.73 -13.36 -7.15
C VAL A 240 -1.46 -14.50 -8.12
N LYS A 241 -2.45 -14.80 -8.98
CA LYS A 241 -2.29 -15.84 -9.98
C LYS A 241 -1.03 -15.60 -10.81
N ALA A 242 -0.76 -14.35 -11.19
CA ALA A 242 0.42 -14.05 -11.99
C ALA A 242 1.71 -14.38 -11.25
N VAL A 243 1.82 -13.92 -10.00
CA VAL A 243 3.02 -14.17 -9.22
C VAL A 243 3.19 -15.66 -8.93
N VAL A 244 2.11 -16.34 -8.60
CA VAL A 244 2.14 -17.79 -8.36
C VAL A 244 2.64 -18.53 -9.61
N GLU A 245 2.10 -18.20 -10.78
CA GLU A 245 2.53 -18.85 -12.01
C GLU A 245 3.99 -18.54 -12.33
N VAL A 246 4.38 -17.27 -12.24
CA VAL A 246 5.75 -16.88 -12.57
C VAL A 246 6.75 -17.62 -11.69
N LEU A 247 6.41 -17.78 -10.41
CA LEU A 247 7.32 -18.38 -9.45
C LEU A 247 7.14 -19.89 -9.34
N SER A 248 6.31 -20.50 -10.21
CA SER A 248 6.17 -21.95 -10.29
C SER A 248 5.55 -22.55 -9.03
N MET A 249 4.56 -21.86 -8.48
CA MET A 249 4.01 -22.15 -7.16
C MET A 249 2.57 -22.64 -7.30
N GLN A 250 2.11 -22.97 -8.51
CA GLN A 250 0.69 -23.28 -8.72
CA GLN A 250 0.69 -23.28 -8.70
C GLN A 250 0.25 -24.53 -7.95
N ASN A 251 1.17 -25.45 -7.65
CA ASN A 251 0.86 -26.69 -6.96
C ASN A 251 1.59 -26.83 -5.64
N LYS A 252 2.06 -25.72 -5.07
CA LYS A 252 2.85 -25.76 -3.85
C LYS A 252 2.19 -24.96 -2.73
N LYS A 253 2.51 -25.35 -1.50
CA LYS A 253 2.10 -24.57 -0.35
C LYS A 253 2.77 -23.19 -0.38
N VAL A 254 1.97 -22.16 -0.14
CA VAL A 254 2.40 -20.76 -0.12
C VAL A 254 1.68 -20.11 1.05
N VAL A 255 2.37 -19.23 1.78
CA VAL A 255 1.72 -18.37 2.76
C VAL A 255 1.50 -17.01 2.13
N LEU A 256 0.25 -16.54 2.15
CA LEU A 256 -0.11 -15.26 1.58
C LEU A 256 -0.73 -14.37 2.65
N THR A 257 -0.41 -13.09 2.63
CA THR A 257 -1.07 -12.12 3.48
C THR A 257 -1.41 -10.88 2.68
N THR A 258 -2.14 -9.98 3.32
CA THR A 258 -2.75 -8.84 2.64
C THR A 258 -2.56 -7.58 3.47
N ALA A 259 -2.30 -6.46 2.79
CA ALA A 259 -2.15 -5.16 3.41
C ALA A 259 -3.02 -4.14 2.68
N GLY A 260 -3.48 -3.15 3.43
CA GLY A 260 -4.19 -2.03 2.84
C GLY A 260 -5.67 -2.07 3.16
N GLY A 261 -6.29 -0.88 3.17
CA GLY A 261 -7.66 -0.75 3.63
C GLY A 261 -8.70 -1.40 2.74
N VAL A 262 -8.46 -1.46 1.44
CA VAL A 262 -9.47 -2.05 0.58
C VAL A 262 -9.61 -3.54 0.89
N ILE A 263 -8.50 -4.27 0.84
CA ILE A 263 -8.57 -5.72 0.99
C ILE A 263 -8.85 -6.11 2.44
N ASN A 264 -8.32 -5.36 3.40
CA ASN A 264 -8.43 -5.80 4.79
C ASN A 264 -9.69 -5.31 5.50
N ASN A 265 -10.40 -4.31 4.96
CA ASN A 265 -11.54 -3.72 5.65
C ASN A 265 -12.87 -4.23 5.14
N ILE A 266 -12.98 -4.61 3.88
CA ILE A 266 -14.29 -4.82 3.27
C ILE A 266 -14.58 -6.30 3.28
N ASN A 267 -15.55 -6.74 4.10
CA ASN A 267 -15.79 -8.17 4.28
C ASN A 267 -16.07 -8.86 2.95
N TYR A 268 -16.97 -8.31 2.14
CA TYR A 268 -17.35 -8.96 0.89
C TYR A 268 -16.17 -9.09 -0.06
N LEU A 269 -15.38 -8.03 -0.20
CA LEU A 269 -14.22 -8.04 -1.08
C LEU A 269 -13.17 -9.05 -0.59
N TYR A 270 -12.88 -9.02 0.70
CA TYR A 270 -11.94 -9.99 1.25
C TYR A 270 -12.44 -11.41 1.05
N ASP A 271 -13.74 -11.65 1.28
CA ASP A 271 -14.31 -12.98 1.14
C ASP A 271 -14.23 -13.44 -0.32
N GLU A 272 -14.53 -12.53 -1.25
CA GLU A 272 -14.48 -12.88 -2.67
C GLU A 272 -13.06 -13.22 -3.09
N PHE A 273 -12.09 -12.41 -2.65
CA PHE A 273 -10.69 -12.68 -2.93
C PHE A 273 -10.29 -14.06 -2.40
N ARG A 274 -10.64 -14.34 -1.13
CA ARG A 274 -10.29 -15.63 -0.54
C ARG A 274 -10.98 -16.79 -1.27
N LYS A 275 -12.23 -16.60 -1.71
CA LYS A 275 -12.92 -17.64 -2.47
C LYS A 275 -12.19 -17.94 -3.78
N PHE A 276 -11.83 -16.90 -4.54
CA PHE A 276 -11.06 -17.13 -5.76
C PHE A 276 -9.78 -17.90 -5.46
N LEU A 277 -9.06 -17.54 -4.40
CA LEU A 277 -7.81 -18.23 -4.10
C LEU A 277 -8.05 -19.65 -3.65
N ASN A 278 -9.05 -19.87 -2.79
CA ASN A 278 -9.29 -21.21 -2.27
C ASN A 278 -9.65 -22.16 -3.39
N LEU A 279 -10.42 -21.69 -4.37
CA LEU A 279 -10.83 -22.56 -5.47
C LEU A 279 -9.66 -22.85 -6.41
N ASN A 280 -8.89 -21.83 -6.77
CA ASN A 280 -7.88 -22.01 -7.81
C ASN A 280 -6.53 -22.47 -7.26
N TYR A 281 -6.19 -22.10 -6.04
CA TYR A 281 -4.92 -22.46 -5.42
C TYR A 281 -5.17 -22.89 -3.98
N PRO A 282 -5.74 -24.08 -3.80
CA PRO A 282 -6.09 -24.53 -2.44
C PRO A 282 -4.92 -24.63 -1.48
N LYS A 283 -3.70 -24.77 -1.96
CA LYS A 283 -2.54 -24.86 -1.09
C LYS A 283 -2.01 -23.50 -0.66
N VAL A 284 -2.62 -22.41 -1.11
CA VAL A 284 -2.27 -21.09 -0.58
C VAL A 284 -2.96 -20.90 0.77
N LYS A 285 -2.17 -20.68 1.81
CA LYS A 285 -2.66 -20.43 3.16
C LYS A 285 -2.70 -18.93 3.39
N ILE A 286 -3.90 -18.37 3.60
CA ILE A 286 -4.06 -16.93 3.82
C ILE A 286 -4.03 -16.63 5.31
N ILE A 287 -3.19 -15.67 5.69
CA ILE A 287 -3.02 -15.27 7.09
C ILE A 287 -3.11 -13.76 7.21
N SER A 288 -3.36 -13.30 8.43
CA SER A 288 -3.27 -11.88 8.72
C SER A 288 -1.80 -11.48 8.92
N MET A 289 -1.52 -10.20 8.76
CA MET A 289 -0.15 -9.75 8.95
C MET A 289 0.23 -9.77 10.42
N LYS A 290 1.42 -10.31 10.69
CA LYS A 290 1.85 -10.45 12.07
C LYS A 290 2.25 -9.11 12.68
N ASN A 291 2.71 -8.18 11.85
CA ASN A 291 3.14 -6.86 12.27
C ASN A 291 2.88 -5.92 11.10
N ASP A 292 2.95 -4.61 11.37
CA ASP A 292 2.75 -3.65 10.29
C ASP A 292 4.00 -3.51 9.43
N SER A 293 3.88 -2.72 8.35
CA SER A 293 4.99 -2.56 7.41
C SER A 293 6.18 -1.83 8.01
N ALA A 294 5.95 -0.85 8.90
CA ALA A 294 7.07 -0.18 9.55
C ALA A 294 7.88 -1.19 10.35
N PHE A 295 7.20 -2.11 11.04
CA PHE A 295 7.95 -3.15 11.73
C PHE A 295 8.64 -4.11 10.76
N GLY A 296 8.01 -4.37 9.61
CA GLY A 296 8.70 -5.07 8.54
C GLY A 296 10.01 -4.41 8.15
N ALA A 297 10.03 -3.08 8.07
CA ALA A 297 11.26 -2.38 7.76
C ALA A 297 12.28 -2.53 8.87
N VAL A 298 11.82 -2.53 10.13
CA VAL A 298 12.71 -2.83 11.25
C VAL A 298 13.33 -4.21 11.10
N ILE A 299 12.54 -5.22 10.70
CA ILE A 299 13.05 -6.58 10.53
C ILE A 299 14.13 -6.61 9.44
N ILE A 300 13.85 -5.98 8.30
CA ILE A 300 14.83 -5.96 7.22
C ILE A 300 16.10 -5.26 7.68
N ALA A 301 15.96 -4.13 8.38
CA ALA A 301 17.13 -3.39 8.84
C ALA A 301 17.92 -4.22 9.86
N ARG A 302 17.24 -4.72 10.89
CA ARG A 302 17.92 -5.43 11.97
C ARG A 302 18.52 -6.75 11.50
N SER A 303 17.86 -7.42 10.55
CA SER A 303 18.36 -8.70 10.08
C SER A 303 19.70 -8.57 9.35
N GLU A 304 20.03 -7.39 8.83
CA GLU A 304 21.35 -7.07 8.28
C GLU A 304 22.41 -6.75 9.33
N CYS A 305 22.06 -6.71 10.62
CA CYS A 305 23.00 -6.41 11.69
C CYS A 305 23.32 -7.68 12.48
N ASP A 306 24.47 -7.68 13.16
CA ASP A 306 24.85 -8.85 13.95
C ASP A 306 23.83 -9.15 15.05
#